data_2V1S
#
_entry.id   2V1S
#
_cell.length_a   151.781
_cell.length_b   64.146
_cell.length_c   68.018
_cell.angle_alpha   90.00
_cell.angle_beta   94.70
_cell.angle_gamma   90.00
#
_symmetry.space_group_name_H-M   'C 1 2 1'
#
loop_
_entity.id
_entity.type
_entity.pdbx_description
1 polymer 'MITOCHONDRIAL IMPORT RECEPTOR SUBUNIT TOM20 HOMOLOG'
2 polymer 'ALDEHYDE DEHYDROGENASE'
3 water water
#
loop_
_entity_poly.entity_id
_entity_poly.type
_entity_poly.pdbx_seq_one_letter_code
_entity_poly.pdbx_strand_id
1 'polypeptide(L)' GPLGSDLKDAEAVQKFFLEEIQLGEELLAQGDYEKGVDHLTNAIAVCGQPQQLLQVLQQTLPPPVFQMLLTKL A,B,C,D,E,F,G
2 'polypeptide(L)' GPRLSRLLSYAG(CY3) H,I,J,K,L,M,N
#
# COMPACT_ATOMS: atom_id res chain seq x y z
N LYS A 8 38.51 -4.59 -2.57
CA LYS A 8 39.70 -4.09 -3.31
C LYS A 8 40.13 -2.68 -2.86
N ASP A 9 39.15 -1.88 -2.42
CA ASP A 9 39.40 -0.53 -1.93
C ASP A 9 38.80 -0.38 -0.53
N ALA A 10 38.01 0.68 -0.29
CA ALA A 10 37.41 0.92 1.02
C ALA A 10 36.36 -0.14 1.32
N GLU A 11 35.20 0.26 1.83
CA GLU A 11 34.10 -0.70 1.99
C GLU A 11 34.41 -1.79 3.03
N ALA A 12 35.48 -1.59 3.81
CA ALA A 12 35.85 -2.49 4.90
C ALA A 12 34.81 -2.41 6.03
N VAL A 13 34.31 -1.20 6.28
CA VAL A 13 33.25 -0.97 7.23
C VAL A 13 31.93 -1.64 6.79
N GLN A 14 31.66 -1.63 5.49
CA GLN A 14 30.47 -2.28 4.93
C GLN A 14 30.55 -3.80 5.11
N LYS A 15 31.72 -4.39 4.92
CA LYS A 15 31.92 -5.83 5.14
C LYS A 15 31.73 -6.18 6.60
N PHE A 16 32.35 -5.39 7.47
CA PHE A 16 32.21 -5.58 8.91
C PHE A 16 30.76 -5.52 9.33
N PHE A 17 30.07 -4.49 8.84
CA PHE A 17 28.67 -4.25 9.17
C PHE A 17 27.82 -5.49 8.87
N LEU A 18 27.86 -5.96 7.62
CA LEU A 18 27.04 -7.08 7.18
C LEU A 18 27.45 -8.37 7.89
N GLU A 19 28.75 -8.57 8.09
CA GLU A 19 29.23 -9.79 8.75
C GLU A 19 28.75 -9.87 10.19
N GLU A 20 28.75 -8.74 10.88
CA GLU A 20 28.29 -8.68 12.26
C GLU A 20 26.76 -8.85 12.40
N ILE A 21 26.00 -8.25 11.50
CA ILE A 21 24.54 -8.47 11.43
C ILE A 21 24.28 -9.96 11.24
N GLN A 22 24.96 -10.57 10.29
CA GLN A 22 24.71 -11.98 9.97
C GLN A 22 25.09 -12.92 11.10
N LEU A 23 26.22 -12.64 11.76
CA LEU A 23 26.65 -13.45 12.91
C LEU A 23 25.69 -13.24 14.08
N GLY A 24 25.29 -12.00 14.34
CA GLY A 24 24.32 -11.71 15.39
C GLY A 24 23.04 -12.51 15.19
N GLU A 25 22.51 -12.43 13.99
CA GLU A 25 21.30 -13.16 13.61
C GLU A 25 21.43 -14.68 13.87
N GLU A 26 22.57 -15.27 13.48
CA GLU A 26 22.85 -16.70 13.62
C GLU A 26 22.87 -17.09 15.11
N LEU A 27 23.55 -16.27 15.93
CA LEU A 27 23.64 -16.53 17.35
C LEU A 27 22.30 -16.40 18.07
N LEU A 28 21.52 -15.37 17.76
CA LEU A 28 20.16 -15.26 18.30
C LEU A 28 19.36 -16.53 17.99
N ALA A 29 19.50 -17.05 16.78
CA ALA A 29 18.81 -18.27 16.33
C ALA A 29 19.27 -19.55 17.05
N GLN A 30 20.52 -19.58 17.51
CA GLN A 30 20.98 -20.68 18.37
C GLN A 30 20.57 -20.47 19.81
N GLY A 31 19.88 -19.37 20.10
CA GLY A 31 19.50 -19.04 21.46
C GLY A 31 20.59 -18.41 22.32
N ASP A 32 21.72 -18.03 21.72
CA ASP A 32 22.77 -17.30 22.44
C ASP A 32 22.51 -15.79 22.36
N TYR A 33 21.70 -15.30 23.30
CA TYR A 33 21.21 -13.92 23.30
C TYR A 33 22.26 -12.84 23.55
N GLU A 34 23.12 -13.03 24.55
CA GLU A 34 24.12 -12.03 24.89
C GLU A 34 25.13 -11.91 23.75
N LYS A 35 25.58 -13.04 23.22
CA LYS A 35 26.53 -13.03 22.11
C LYS A 35 25.93 -12.43 20.85
N GLY A 36 24.73 -12.86 20.48
CA GLY A 36 24.01 -12.29 19.35
C GLY A 36 23.79 -10.78 19.45
N VAL A 37 23.31 -10.33 20.61
CA VAL A 37 23.17 -8.90 20.89
C VAL A 37 24.52 -8.16 20.82
N ASP A 38 25.58 -8.79 21.31
CA ASP A 38 26.93 -8.19 21.22
C ASP A 38 27.27 -7.83 19.76
N HIS A 39 27.07 -8.77 18.85
CA HIS A 39 27.46 -8.57 17.47
C HIS A 39 26.55 -7.60 16.70
N LEU A 40 25.23 -7.65 16.90
CA LEU A 40 24.32 -6.64 16.37
C LEU A 40 24.69 -5.21 16.81
N THR A 41 25.10 -5.05 18.06
CA THR A 41 25.51 -3.75 18.57
C THR A 41 26.87 -3.27 17.97
N ASN A 42 27.76 -4.19 17.62
CA ASN A 42 28.93 -3.84 16.80
C ASN A 42 28.51 -3.25 15.45
N ALA A 43 27.49 -3.83 14.81
CA ALA A 43 26.98 -3.33 13.53
C ALA A 43 26.39 -1.94 13.68
N ILE A 44 25.55 -1.80 14.68
CA ILE A 44 24.91 -0.51 14.96
C ILE A 44 25.95 0.58 15.23
N ALA A 45 26.98 0.23 16.01
CA ALA A 45 28.03 1.17 16.39
C ALA A 45 28.74 1.78 15.17
N VAL A 46 28.94 1.01 14.10
CA VAL A 46 29.60 1.54 12.89
C VAL A 46 28.65 2.22 11.91
N CYS A 47 27.38 2.30 12.24
CA CYS A 47 26.35 2.88 11.38
C CYS A 47 26.33 4.41 11.53
N GLY A 48 25.86 4.93 12.66
CA GLY A 48 25.93 6.40 12.85
C GLY A 48 24.68 7.16 12.47
N GLN A 49 23.95 6.65 11.47
CA GLN A 49 22.53 6.99 11.29
C GLN A 49 21.75 5.66 11.37
N PRO A 50 21.65 5.08 12.57
CA PRO A 50 21.15 3.73 12.72
C PRO A 50 19.66 3.71 13.00
N GLN A 51 19.00 4.84 12.79
CA GLN A 51 17.55 4.94 13.02
C GLN A 51 16.74 3.97 12.15
N GLN A 52 17.08 3.86 10.87
CA GLN A 52 16.41 2.91 9.96
C GLN A 52 16.70 1.45 10.35
N LEU A 53 17.95 1.20 10.76
CA LEU A 53 18.40 -0.10 11.20
C LEU A 53 17.68 -0.52 12.47
N LEU A 54 17.56 0.39 13.43
CA LEU A 54 16.92 0.10 14.72
C LEU A 54 15.43 -0.20 14.59
N GLN A 55 14.77 0.44 13.64
CA GLN A 55 13.38 0.17 13.29
C GLN A 55 13.22 -1.23 12.73
N VAL A 56 14.09 -1.58 11.78
CA VAL A 56 14.11 -2.94 11.22
C VAL A 56 14.29 -3.99 12.31
N LEU A 57 15.28 -3.80 13.19
CA LEU A 57 15.54 -4.70 14.31
C LEU A 57 14.34 -4.83 15.28
N GLN A 58 13.67 -3.71 15.53
CA GLN A 58 12.47 -3.69 16.37
C GLN A 58 11.33 -4.50 15.74
N GLN A 59 11.21 -4.46 14.43
CA GLN A 59 10.16 -5.25 13.75
C GLN A 59 10.53 -6.73 13.61
N THR A 60 11.81 -7.05 13.80
CA THR A 60 12.36 -8.39 13.50
C THR A 60 12.54 -9.25 14.77
N LEU A 61 12.93 -8.59 15.86
CA LEU A 61 13.25 -9.30 17.09
C LEU A 61 12.06 -9.36 18.05
N PRO A 62 11.98 -10.44 18.87
CA PRO A 62 11.07 -10.43 19.99
C PRO A 62 11.36 -9.23 20.90
N PRO A 63 10.32 -8.57 21.43
CA PRO A 63 10.54 -7.40 22.28
C PRO A 63 11.65 -7.46 23.34
N PRO A 64 11.72 -8.53 24.16
CA PRO A 64 12.79 -8.58 25.17
C PRO A 64 14.21 -8.69 24.62
N VAL A 65 14.35 -9.28 23.45
CA VAL A 65 15.63 -9.35 22.76
C VAL A 65 16.00 -7.96 22.25
N PHE A 66 15.00 -7.25 21.73
CA PHE A 66 15.21 -5.85 21.29
C PHE A 66 15.59 -4.97 22.48
N GLN A 67 14.98 -5.18 23.63
CA GLN A 67 15.31 -4.38 24.82
C GLN A 67 16.73 -4.63 25.35
N MET A 68 17.19 -5.88 25.27
CA MET A 68 18.58 -6.22 25.55
C MET A 68 19.52 -5.46 24.62
N LEU A 69 19.08 -5.21 23.40
CA LEU A 69 19.88 -4.48 22.43
C LEU A 69 20.05 -3.01 22.82
N LEU A 70 18.94 -2.36 23.16
CA LEU A 70 18.95 -0.95 23.56
C LEU A 70 19.80 -0.70 24.81
N THR A 71 19.92 -1.73 25.65
CA THR A 71 20.65 -1.63 26.90
C THR A 71 22.13 -1.86 26.69
N LYS A 72 22.46 -2.74 25.73
CA LYS A 72 23.85 -3.06 25.41
C LYS A 72 24.49 -2.03 24.49
N LEU A 73 23.74 -1.01 24.09
CA LEU A 73 24.33 0.17 23.48
C LEU A 73 24.94 1.00 24.61
N LYS B 8 13.43 41.18 -6.73
CA LYS B 8 12.90 41.04 -8.13
C LYS B 8 11.40 40.79 -8.13
N ASP B 9 10.93 39.76 -7.42
CA ASP B 9 9.50 39.56 -7.20
C ASP B 9 9.15 39.64 -5.70
N ALA B 10 8.39 40.66 -5.34
CA ALA B 10 7.95 40.88 -3.96
C ALA B 10 7.11 39.73 -3.42
N GLU B 11 6.47 39.01 -4.33
CA GLU B 11 5.60 37.91 -3.98
C GLU B 11 6.28 36.60 -4.38
N ALA B 12 7.60 36.56 -4.16
CA ALA B 12 8.43 35.38 -4.41
C ALA B 12 7.93 34.18 -3.61
N VAL B 13 7.55 34.43 -2.37
CA VAL B 13 7.15 33.35 -1.47
C VAL B 13 5.80 32.73 -1.85
N GLN B 14 4.86 33.57 -2.27
CA GLN B 14 3.57 33.09 -2.77
C GLN B 14 3.77 32.33 -4.08
N LYS B 15 4.69 32.83 -4.89
CA LYS B 15 5.06 32.21 -6.14
C LYS B 15 5.69 30.84 -5.92
N PHE B 16 6.66 30.77 -5.03
CA PHE B 16 7.28 29.50 -4.63
C PHE B 16 6.24 28.52 -4.06
N PHE B 17 5.40 29.01 -3.17
CA PHE B 17 4.37 28.22 -2.54
C PHE B 17 3.45 27.52 -3.57
N LEU B 18 2.99 28.26 -4.57
CA LEU B 18 2.08 27.71 -5.57
C LEU B 18 2.82 26.73 -6.46
N GLU B 19 4.02 27.10 -6.92
CA GLU B 19 4.83 26.22 -7.75
C GLU B 19 5.08 24.88 -7.11
N GLU B 20 5.46 24.88 -5.83
CA GLU B 20 5.73 23.65 -5.10
C GLU B 20 4.49 22.78 -4.97
N ILE B 21 3.34 23.42 -4.72
CA ILE B 21 2.06 22.70 -4.64
C ILE B 21 1.70 22.01 -5.97
N GLN B 22 1.87 22.73 -7.07
CA GLN B 22 1.60 22.18 -8.40
C GLN B 22 2.57 21.05 -8.74
N LEU B 23 3.83 21.20 -8.36
CA LEU B 23 4.82 20.20 -8.63
C LEU B 23 4.52 18.95 -7.81
N GLY B 24 4.30 19.12 -6.50
CA GLY B 24 3.90 18.01 -5.63
C GLY B 24 2.71 17.22 -6.17
N GLU B 25 1.73 17.95 -6.68
CA GLU B 25 0.53 17.39 -7.31
C GLU B 25 0.88 16.51 -8.52
N GLU B 26 1.65 17.06 -9.47
CA GLU B 26 2.12 16.32 -10.63
C GLU B 26 2.93 15.09 -10.23
N LEU B 27 3.75 15.22 -9.20
CA LEU B 27 4.55 14.09 -8.68
C LEU B 27 3.68 13.01 -8.03
N LEU B 28 2.64 13.42 -7.32
CA LEU B 28 1.68 12.46 -6.76
C LEU B 28 0.76 11.83 -7.82
N ALA B 29 0.52 12.53 -8.94
CA ALA B 29 -0.24 11.95 -10.08
C ALA B 29 0.50 10.77 -10.73
N GLN B 30 1.77 10.60 -10.37
CA GLN B 30 2.51 9.40 -10.68
C GLN B 30 2.75 8.73 -9.33
N GLY B 31 3.77 7.88 -9.25
CA GLY B 31 4.09 7.21 -7.99
C GLY B 31 5.36 7.74 -7.38
N ASP B 32 5.57 9.05 -7.53
CA ASP B 32 6.71 9.71 -6.90
C ASP B 32 6.23 10.30 -5.58
N TYR B 33 5.79 9.43 -4.66
CA TYR B 33 5.16 9.88 -3.41
C TYR B 33 6.11 10.65 -2.49
N GLU B 34 7.34 10.16 -2.37
CA GLU B 34 8.32 10.74 -1.45
C GLU B 34 8.78 12.10 -1.97
N LYS B 35 9.00 12.19 -3.29
CA LYS B 35 9.26 13.45 -3.96
C LYS B 35 8.06 14.38 -3.90
N GLY B 36 6.88 13.83 -4.19
CA GLY B 36 5.64 14.59 -4.16
C GLY B 36 5.39 15.25 -2.81
N VAL B 37 5.51 14.45 -1.74
CA VAL B 37 5.31 14.95 -0.37
C VAL B 37 6.39 15.97 0.01
N ASP B 38 7.64 15.72 -0.38
CA ASP B 38 8.73 16.68 -0.15
C ASP B 38 8.38 18.08 -0.62
N HIS B 39 7.86 18.15 -1.83
CA HIS B 39 7.49 19.44 -2.42
C HIS B 39 6.31 20.10 -1.70
N LEU B 40 5.31 19.30 -1.38
CA LEU B 40 4.18 19.74 -0.59
C LEU B 40 4.63 20.22 0.79
N THR B 41 5.64 19.57 1.36
CA THR B 41 6.14 19.97 2.66
C THR B 41 6.93 21.30 2.56
N ASN B 42 7.53 21.56 1.40
CA ASN B 42 8.17 22.87 1.15
C ASN B 42 7.16 24.00 1.19
N ALA B 43 5.99 23.77 0.57
CA ALA B 43 4.89 24.71 0.57
C ALA B 43 4.34 24.94 1.96
N ILE B 44 4.08 23.84 2.67
CA ILE B 44 3.58 23.94 4.04
C ILE B 44 4.59 24.70 4.92
N ALA B 45 5.88 24.43 4.69
CA ALA B 45 6.95 25.06 5.44
C ALA B 45 6.95 26.60 5.35
N VAL B 46 6.66 27.17 4.17
CA VAL B 46 6.60 28.65 4.01
C VAL B 46 5.22 29.23 4.33
N CYS B 47 4.34 28.37 4.81
CA CYS B 47 2.97 28.74 5.13
C CYS B 47 2.84 28.91 6.64
N GLY B 48 2.56 30.13 7.07
CA GLY B 48 2.48 30.47 8.48
C GLY B 48 1.43 29.70 9.25
N GLN B 49 0.20 29.70 8.74
CA GLN B 49 -0.82 28.83 9.30
C GLN B 49 -1.37 27.96 8.17
N PRO B 50 -0.88 26.72 8.09
CA PRO B 50 -1.24 25.80 7.04
C PRO B 50 -2.56 25.00 7.22
N GLN B 51 -3.36 25.26 8.26
CA GLN B 51 -4.61 24.50 8.44
C GLN B 51 -5.51 24.47 7.20
N GLN B 52 -5.80 25.62 6.63
CA GLN B 52 -6.66 25.64 5.44
C GLN B 52 -6.06 24.76 4.34
N LEU B 53 -4.76 24.89 4.13
CA LEU B 53 -4.05 24.05 3.16
C LEU B 53 -4.12 22.56 3.51
N LEU B 54 -3.90 22.23 4.78
CA LEU B 54 -3.87 20.84 5.23
C LEU B 54 -5.22 20.15 5.05
N GLN B 55 -6.29 20.91 5.30
CA GLN B 55 -7.66 20.42 5.12
C GLN B 55 -7.94 20.09 3.67
N VAL B 56 -7.51 20.98 2.77
CA VAL B 56 -7.68 20.79 1.33
C VAL B 56 -6.95 19.54 0.89
N LEU B 57 -5.75 19.34 1.42
CA LEU B 57 -4.96 18.17 1.09
C LEU B 57 -5.61 16.89 1.64
N GLN B 58 -6.00 16.90 2.92
CA GLN B 58 -6.68 15.75 3.53
C GLN B 58 -7.93 15.34 2.75
N GLN B 59 -8.66 16.33 2.26
CA GLN B 59 -9.89 16.07 1.54
C GLN B 59 -9.59 15.66 0.08
N THR B 60 -8.35 15.89 -0.38
CA THR B 60 -7.93 15.65 -1.77
C THR B 60 -7.03 14.43 -1.97
N LEU B 61 -6.19 14.13 -1.01
CA LEU B 61 -5.23 13.03 -1.10
C LEU B 61 -5.85 11.71 -0.64
N PRO B 62 -5.40 10.57 -1.21
CA PRO B 62 -5.73 9.30 -0.59
C PRO B 62 -5.14 9.26 0.84
N PRO B 63 -5.91 8.74 1.82
CA PRO B 63 -5.47 8.64 3.22
C PRO B 63 -4.02 8.24 3.52
N PRO B 64 -3.50 7.17 2.89
CA PRO B 64 -2.10 6.84 3.19
C PRO B 64 -1.10 7.85 2.62
N VAL B 65 -1.45 8.53 1.52
CA VAL B 65 -0.62 9.60 1.00
C VAL B 65 -0.62 10.78 1.98
N PHE B 66 -1.80 11.11 2.52
CA PHE B 66 -1.91 12.21 3.46
C PHE B 66 -1.23 11.93 4.79
N GLN B 67 -1.28 10.69 5.27
CA GLN B 67 -0.58 10.31 6.49
C GLN B 67 0.92 10.39 6.31
N MET B 68 1.37 9.98 5.14
CA MET B 68 2.75 10.05 4.74
C MET B 68 3.28 11.50 4.75
N LEU B 69 2.40 12.45 4.45
CA LEU B 69 2.68 13.88 4.59
C LEU B 69 2.84 14.28 6.05
N LEU B 70 1.92 13.82 6.90
CA LEU B 70 1.94 14.15 8.34
C LEU B 70 3.19 13.64 9.06
N THR B 71 3.72 12.51 8.62
CA THR B 71 4.89 11.88 9.26
C THR B 71 6.13 12.77 9.23
N LYS B 72 6.22 13.66 8.25
CA LYS B 72 7.35 14.58 8.17
C LYS B 72 6.89 16.03 7.91
N LEU B 73 5.69 16.34 8.40
CA LEU B 73 5.06 17.63 8.11
C LEU B 73 5.90 18.74 8.71
N SER C 5 5.79 -0.32 4.26
CA SER C 5 6.79 0.78 4.47
C SER C 5 6.63 1.85 3.42
N ASP C 6 6.34 1.43 2.18
CA ASP C 6 6.24 2.35 1.07
C ASP C 6 5.09 2.01 0.14
N LEU C 7 4.36 3.04 -0.25
CA LEU C 7 3.39 2.92 -1.33
C LEU C 7 4.13 2.61 -2.61
N LYS C 8 5.27 3.27 -2.81
CA LYS C 8 6.09 3.11 -4.02
C LYS C 8 6.52 1.66 -4.24
N ASP C 9 7.08 1.06 -3.20
CA ASP C 9 7.54 -0.33 -3.25
C ASP C 9 6.35 -1.22 -3.63
N ALA C 10 5.25 -1.08 -2.90
CA ALA C 10 4.01 -1.85 -3.15
C ALA C 10 3.59 -1.74 -4.60
N GLU C 11 3.51 -0.51 -5.08
CA GLU C 11 3.10 -0.24 -6.45
C GLU C 11 4.06 -0.80 -7.48
N ALA C 12 5.34 -0.85 -7.14
CA ALA C 12 6.36 -1.37 -8.05
C ALA C 12 6.21 -2.89 -8.16
N VAL C 13 6.05 -3.53 -7.01
CA VAL C 13 5.83 -4.98 -7.00
C VAL C 13 4.53 -5.37 -7.73
N GLN C 14 3.45 -4.65 -7.46
CA GLN C 14 2.15 -4.90 -8.14
C GLN C 14 2.28 -4.80 -9.68
N LYS C 15 2.91 -3.71 -10.14
CA LYS C 15 3.21 -3.50 -11.56
C LYS C 15 4.04 -4.67 -12.11
N PHE C 16 5.12 -5.01 -11.44
CA PHE C 16 5.96 -6.12 -11.89
C PHE C 16 5.17 -7.41 -12.00
N PHE C 17 4.39 -7.72 -10.97
CA PHE C 17 3.62 -8.95 -10.88
C PHE C 17 2.67 -9.15 -12.05
N LEU C 18 1.86 -8.13 -12.33
CA LEU C 18 0.86 -8.22 -13.40
C LEU C 18 1.56 -8.27 -14.75
N GLU C 19 2.61 -7.45 -14.93
CA GLU C 19 3.46 -7.51 -16.14
C GLU C 19 3.96 -8.91 -16.41
N GLU C 20 4.47 -9.58 -15.39
CA GLU C 20 4.96 -10.97 -15.54
C GLU C 20 3.85 -11.99 -15.84
N ILE C 21 2.72 -11.83 -15.18
CA ILE C 21 1.51 -12.60 -15.49
C ILE C 21 1.13 -12.40 -16.96
N GLN C 22 1.07 -11.15 -17.39
CA GLN C 22 0.59 -10.86 -18.73
C GLN C 22 1.59 -11.37 -19.78
N LEU C 23 2.88 -11.20 -19.51
CA LEU C 23 3.93 -11.64 -20.43
C LEU C 23 3.98 -13.18 -20.50
N GLY C 24 3.91 -13.83 -19.34
CA GLY C 24 3.86 -15.29 -19.25
C GLY C 24 2.69 -15.84 -20.04
N GLU C 25 1.52 -15.23 -19.83
CA GLU C 25 0.29 -15.61 -20.52
C GLU C 25 0.45 -15.56 -22.05
N GLU C 26 0.95 -14.43 -22.56
CA GLU C 26 1.17 -14.25 -24.00
C GLU C 26 2.15 -15.25 -24.59
N LEU C 27 3.25 -15.52 -23.86
CA LEU C 27 4.25 -16.47 -24.34
C LEU C 27 3.69 -17.89 -24.42
N LEU C 28 2.90 -18.29 -23.43
CA LEU C 28 2.26 -19.59 -23.44
C LEU C 28 1.33 -19.74 -24.66
N ALA C 29 0.58 -18.68 -24.97
CA ALA C 29 -0.31 -18.67 -26.14
C ALA C 29 0.46 -18.76 -27.45
N GLN C 30 1.67 -18.21 -27.51
CA GLN C 30 2.43 -18.30 -28.74
C GLN C 30 3.32 -19.56 -28.77
N GLY C 31 3.18 -20.39 -27.72
CA GLY C 31 3.81 -21.71 -27.65
C GLY C 31 5.21 -21.76 -27.06
N ASP C 32 5.69 -20.64 -26.51
CA ASP C 32 7.00 -20.61 -25.86
C ASP C 32 6.82 -20.98 -24.38
N TYR C 33 6.70 -22.28 -24.11
CA TYR C 33 6.30 -22.78 -22.81
C TYR C 33 7.33 -22.50 -21.73
N GLU C 34 8.60 -22.79 -22.00
CA GLU C 34 9.67 -22.52 -21.03
C GLU C 34 9.81 -21.03 -20.70
N LYS C 35 9.74 -20.16 -21.72
CA LYS C 35 9.80 -18.72 -21.50
C LYS C 35 8.57 -18.22 -20.76
N GLY C 36 7.40 -18.67 -21.19
CA GLY C 36 6.15 -18.36 -20.49
C GLY C 36 6.20 -18.78 -19.03
N VAL C 37 6.51 -20.05 -18.78
CA VAL C 37 6.64 -20.58 -17.42
C VAL C 37 7.66 -19.77 -16.61
N ASP C 38 8.71 -19.30 -17.28
CA ASP C 38 9.74 -18.47 -16.67
C ASP C 38 9.20 -17.17 -16.06
N HIS C 39 8.38 -16.46 -16.83
CA HIS C 39 7.77 -15.23 -16.35
C HIS C 39 6.73 -15.45 -15.26
N LEU C 40 5.93 -16.50 -15.39
CA LEU C 40 4.97 -16.87 -14.35
C LEU C 40 5.65 -17.16 -13.02
N THR C 41 6.81 -17.82 -13.06
CA THR C 41 7.60 -18.15 -11.87
C THR C 41 8.02 -16.88 -11.14
N ASN C 42 8.40 -15.87 -11.90
CA ASN C 42 8.76 -14.56 -11.37
C ASN C 42 7.57 -13.92 -10.65
N ALA C 43 6.37 -14.09 -11.21
CA ALA C 43 5.14 -13.57 -10.59
C ALA C 43 4.87 -14.26 -9.26
N ILE C 44 4.97 -15.58 -9.26
CA ILE C 44 4.78 -16.39 -8.04
C ILE C 44 5.83 -16.05 -7.00
N ALA C 45 7.08 -15.85 -7.43
CA ALA C 45 8.17 -15.45 -6.52
C ALA C 45 7.93 -14.13 -5.73
N VAL C 46 7.18 -13.18 -6.28
CA VAL C 46 6.89 -11.94 -5.53
C VAL C 46 5.60 -11.99 -4.70
N CYS C 47 4.89 -13.11 -4.77
CA CYS C 47 3.66 -13.33 -4.02
C CYS C 47 3.99 -14.13 -2.76
N GLY C 48 3.62 -13.61 -1.59
CA GLY C 48 3.93 -14.28 -0.32
C GLY C 48 3.32 -15.65 -0.13
N GLN C 49 2.01 -15.76 -0.42
CA GLN C 49 1.34 -17.06 -0.36
C GLN C 49 0.56 -17.24 -1.67
N PRO C 50 1.19 -17.90 -2.64
CA PRO C 50 0.65 -17.94 -4.00
C PRO C 50 -0.35 -19.08 -4.30
N GLN C 51 -0.96 -19.67 -3.27
CA GLN C 51 -1.86 -20.83 -3.47
C GLN C 51 -3.08 -20.51 -4.33
N GLN C 52 -3.75 -19.40 -4.07
CA GLN C 52 -4.89 -18.98 -4.87
C GLN C 52 -4.49 -18.78 -6.34
N LEU C 53 -3.33 -18.19 -6.57
CA LEU C 53 -2.83 -17.95 -7.93
C LEU C 53 -2.51 -19.25 -8.65
N LEU C 54 -1.84 -20.16 -7.95
CA LEU C 54 -1.57 -21.50 -8.45
C LEU C 54 -2.86 -22.27 -8.80
N GLN C 55 -3.93 -22.06 -8.02
CA GLN C 55 -5.23 -22.63 -8.32
C GLN C 55 -5.81 -22.07 -9.63
N VAL C 56 -5.76 -20.75 -9.79
CA VAL C 56 -6.22 -20.12 -11.03
C VAL C 56 -5.45 -20.66 -12.26
N LEU C 57 -4.15 -20.76 -12.14
CA LEU C 57 -3.31 -21.30 -13.19
C LEU C 57 -3.61 -22.80 -13.42
N GLN C 58 -3.86 -23.59 -12.37
CA GLN C 58 -4.25 -25.00 -12.56
C GLN C 58 -5.57 -25.15 -13.37
N GLN C 59 -6.51 -24.25 -13.15
CA GLN C 59 -7.80 -24.30 -13.83
C GLN C 59 -7.74 -23.72 -15.25
N THR C 60 -6.75 -22.89 -15.50
CA THR C 60 -6.66 -22.14 -16.73
C THR C 60 -5.73 -22.78 -17.77
N LEU C 61 -4.73 -23.54 -17.32
CA LEU C 61 -3.71 -24.12 -18.20
C LEU C 61 -3.96 -25.61 -18.46
N PRO C 62 -3.53 -26.12 -19.64
CA PRO C 62 -3.46 -27.58 -19.82
C PRO C 62 -2.58 -28.25 -18.78
N PRO C 63 -3.03 -29.40 -18.25
CA PRO C 63 -2.24 -30.11 -17.24
C PRO C 63 -0.74 -30.23 -17.49
N PRO C 64 -0.30 -30.63 -18.71
CA PRO C 64 1.15 -30.66 -18.91
C PRO C 64 1.87 -29.30 -18.82
N VAL C 65 1.22 -28.20 -19.15
CA VAL C 65 1.83 -26.87 -18.99
C VAL C 65 1.89 -26.49 -17.49
N PHE C 66 0.84 -26.80 -16.76
CA PHE C 66 0.80 -26.49 -15.33
C PHE C 66 1.81 -27.31 -14.51
N GLN C 67 2.07 -28.56 -14.90
CA GLN C 67 3.10 -29.39 -14.23
C GLN C 67 4.52 -28.90 -14.52
N MET C 68 4.71 -28.28 -15.69
CA MET C 68 5.91 -27.51 -16.03
C MET C 68 6.17 -26.40 -15.00
N LEU C 69 5.12 -25.72 -14.56
CA LEU C 69 5.23 -24.71 -13.51
C LEU C 69 5.67 -25.33 -12.21
N LEU C 70 4.97 -26.39 -11.81
CA LEU C 70 5.26 -27.08 -10.55
C LEU C 70 6.70 -27.55 -10.54
N THR C 71 7.09 -28.28 -11.59
CA THR C 71 8.48 -28.68 -11.76
C THR C 71 9.34 -27.50 -12.22
N LYS C 72 9.14 -26.37 -11.53
CA LYS C 72 10.06 -25.24 -11.48
C LYS C 72 9.67 -24.33 -10.30
N LEU C 73 9.15 -24.96 -9.24
CA LEU C 73 8.43 -24.30 -8.11
C LEU C 73 7.03 -23.85 -8.49
N GLY D 4 -2.51 -15.12 2.71
CA GLY D 4 -1.95 -13.76 2.41
C GLY D 4 -1.22 -13.21 3.62
N SER D 5 -0.83 -11.94 3.53
CA SER D 5 -0.18 -11.19 4.62
C SER D 5 0.95 -10.32 4.08
N ASP D 6 1.00 -9.06 4.54
CA ASP D 6 1.99 -8.11 4.03
C ASP D 6 3.39 -8.55 4.40
N LEU D 7 3.56 -9.07 5.62
CA LEU D 7 4.86 -9.53 6.10
C LEU D 7 5.39 -10.60 5.16
N LYS D 8 4.58 -11.61 4.87
CA LYS D 8 4.95 -12.67 3.94
C LYS D 8 5.27 -12.12 2.53
N ASP D 9 4.46 -11.18 2.06
CA ASP D 9 4.68 -10.53 0.76
C ASP D 9 6.03 -9.81 0.75
N ALA D 10 6.29 -9.03 1.79
CA ALA D 10 7.57 -8.32 1.94
C ALA D 10 8.73 -9.30 1.91
N GLU D 11 8.62 -10.39 2.67
CA GLU D 11 9.67 -11.42 2.69
C GLU D 11 9.92 -12.04 1.31
N ALA D 12 8.84 -12.31 0.56
CA ALA D 12 8.97 -12.92 -0.77
C ALA D 12 9.67 -11.95 -1.74
N VAL D 13 9.29 -10.68 -1.68
CA VAL D 13 9.91 -9.67 -2.55
C VAL D 13 11.40 -9.46 -2.19
N GLN D 14 11.69 -9.39 -0.89
CA GLN D 14 13.06 -9.19 -0.45
C GLN D 14 13.91 -10.38 -0.84
N LYS D 15 13.34 -11.58 -0.75
CA LYS D 15 14.04 -12.78 -1.19
C LYS D 15 14.38 -12.66 -2.66
N PHE D 16 13.38 -12.33 -3.46
CA PHE D 16 13.52 -12.19 -4.91
C PHE D 16 14.49 -11.09 -5.28
N PHE D 17 14.40 -9.94 -4.62
CA PHE D 17 15.24 -8.79 -4.92
C PHE D 17 16.70 -9.13 -4.76
N LEU D 18 17.06 -9.65 -3.58
CA LEU D 18 18.44 -9.99 -3.28
C LEU D 18 18.94 -11.11 -4.19
N GLU D 19 18.14 -12.16 -4.36
CA GLU D 19 18.45 -13.21 -5.32
C GLU D 19 18.86 -12.62 -6.66
N GLU D 20 18.02 -11.73 -7.20
CA GLU D 20 18.20 -11.25 -8.58
C GLU D 20 19.44 -10.35 -8.75
N ILE D 21 19.67 -9.43 -7.81
CA ILE D 21 20.91 -8.63 -7.82
C ILE D 21 22.14 -9.55 -7.66
N GLN D 22 22.01 -10.58 -6.84
CA GLN D 22 23.08 -11.56 -6.64
C GLN D 22 23.42 -12.37 -7.90
N LEU D 23 22.40 -12.76 -8.67
CA LEU D 23 22.63 -13.41 -9.97
C LEU D 23 23.13 -12.41 -11.00
N GLY D 24 22.43 -11.28 -11.10
CA GLY D 24 22.87 -10.15 -11.92
C GLY D 24 24.35 -9.85 -11.75
N GLU D 25 24.77 -9.61 -10.50
CA GLU D 25 26.20 -9.41 -10.19
C GLU D 25 27.06 -10.63 -10.54
N GLU D 26 26.48 -11.83 -10.40
CA GLU D 26 27.20 -13.09 -10.66
C GLU D 26 27.74 -13.19 -12.10
N LEU D 27 26.84 -13.37 -13.07
CA LEU D 27 27.26 -13.64 -14.45
C LEU D 27 27.66 -12.37 -15.23
N LEU D 28 27.39 -11.20 -14.67
CA LEU D 28 27.80 -9.92 -15.26
C LEU D 28 29.32 -9.82 -15.21
N ALA D 29 29.88 -9.99 -14.01
CA ALA D 29 31.33 -9.97 -13.83
C ALA D 29 32.00 -11.08 -14.63
N GLN D 30 31.39 -12.26 -14.60
CA GLN D 30 31.92 -13.44 -15.27
C GLN D 30 30.98 -13.92 -16.37
N GLY D 31 31.12 -13.35 -17.56
CA GLY D 31 30.37 -13.77 -18.74
C GLY D 31 29.57 -12.67 -19.42
N ASP D 32 28.45 -13.05 -20.05
CA ASP D 32 27.62 -12.12 -20.81
C ASP D 32 26.95 -11.06 -19.93
N TYR D 33 26.66 -9.91 -20.54
CA TYR D 33 26.02 -8.79 -19.86
C TYR D 33 24.52 -8.71 -20.21
N GLU D 34 24.06 -9.63 -21.07
CA GLU D 34 22.66 -9.71 -21.46
C GLU D 34 21.79 -10.18 -20.29
N LYS D 35 22.14 -11.32 -19.71
CA LYS D 35 21.38 -11.88 -18.57
C LYS D 35 21.64 -11.12 -17.27
N GLY D 36 22.80 -10.47 -17.16
CA GLY D 36 23.13 -9.69 -15.98
C GLY D 36 22.24 -8.48 -15.81
N VAL D 37 22.10 -7.72 -16.91
CA VAL D 37 21.23 -6.55 -16.95
C VAL D 37 19.78 -6.96 -16.77
N ASP D 38 19.40 -8.11 -17.34
CA ASP D 38 18.05 -8.66 -17.20
C ASP D 38 17.66 -8.87 -15.73
N HIS D 39 18.56 -9.48 -14.97
CA HIS D 39 18.29 -9.79 -13.56
C HIS D 39 18.35 -8.53 -12.70
N LEU D 40 19.39 -7.72 -12.92
CA LEU D 40 19.43 -6.39 -12.35
C LEU D 40 18.15 -5.59 -12.68
N THR D 41 17.55 -5.90 -13.84
CA THR D 41 16.30 -5.27 -14.27
C THR D 41 15.11 -5.74 -13.43
N ASN D 42 15.00 -7.05 -13.20
CA ASN D 42 14.00 -7.60 -12.28
C ASN D 42 14.13 -7.02 -10.88
N ALA D 43 15.36 -6.97 -10.38
CA ALA D 43 15.66 -6.42 -9.06
C ALA D 43 15.21 -4.98 -8.94
N ILE D 44 15.61 -4.14 -9.89
CA ILE D 44 15.22 -2.73 -9.87
C ILE D 44 13.72 -2.57 -10.05
N ALA D 45 13.09 -3.50 -10.79
CA ALA D 45 11.65 -3.45 -11.05
C ALA D 45 10.80 -3.64 -9.78
N VAL D 46 11.27 -4.43 -8.84
CA VAL D 46 10.52 -4.64 -7.57
C VAL D 46 10.88 -3.59 -6.51
N CYS D 47 11.71 -2.63 -6.88
CA CYS D 47 12.13 -1.56 -6.00
C CYS D 47 11.35 -0.29 -6.36
N GLY D 48 10.78 0.40 -5.36
CA GLY D 48 9.96 1.60 -5.60
C GLY D 48 10.71 2.87 -5.95
N GLN D 49 11.87 3.05 -5.32
CA GLN D 49 12.72 4.25 -5.48
C GLN D 49 14.17 3.79 -5.64
N PRO D 50 14.53 3.29 -6.83
CA PRO D 50 15.80 2.61 -7.02
C PRO D 50 17.02 3.52 -7.35
N GLN D 51 16.90 4.82 -7.11
CA GLN D 51 17.96 5.79 -7.43
C GLN D 51 19.25 5.52 -6.64
N GLN D 52 19.10 5.14 -5.38
CA GLN D 52 20.26 4.82 -4.53
C GLN D 52 20.94 3.54 -5.04
N LEU D 53 20.14 2.60 -5.55
CA LEU D 53 20.64 1.35 -6.14
C LEU D 53 21.30 1.63 -7.46
N LEU D 54 20.70 2.52 -8.25
CA LEU D 54 21.27 2.92 -9.54
C LEU D 54 22.63 3.62 -9.35
N GLN D 55 22.75 4.47 -8.33
CA GLN D 55 24.01 5.15 -8.00
C GLN D 55 25.09 4.16 -7.55
N VAL D 56 24.71 3.18 -6.73
CA VAL D 56 25.61 2.07 -6.37
C VAL D 56 26.05 1.32 -7.63
N LEU D 57 25.10 1.13 -8.54
CA LEU D 57 25.35 0.48 -9.83
C LEU D 57 26.26 1.31 -10.75
N GLN D 58 26.00 2.61 -10.89
CA GLN D 58 26.84 3.47 -11.77
C GLN D 58 28.22 3.76 -11.18
N GLN D 59 28.36 3.59 -9.87
CA GLN D 59 29.66 3.75 -9.21
C GLN D 59 30.48 2.44 -9.15
N THR D 60 29.87 1.32 -9.56
CA THR D 60 30.56 0.01 -9.54
C THR D 60 30.54 -0.76 -10.88
N LEU D 61 29.77 -0.29 -11.86
CA LEU D 61 29.78 -0.91 -13.20
C LEU D 61 30.51 0.00 -14.18
N PRO D 62 31.22 -0.58 -15.17
CA PRO D 62 31.89 0.28 -16.15
C PRO D 62 30.84 1.11 -16.91
N PRO D 63 31.25 2.29 -17.43
CA PRO D 63 30.29 3.20 -18.09
C PRO D 63 29.34 2.56 -19.11
N PRO D 64 29.85 1.78 -20.08
CA PRO D 64 28.97 1.23 -21.12
C PRO D 64 28.03 0.11 -20.63
N VAL D 65 28.42 -0.59 -19.56
CA VAL D 65 27.58 -1.62 -18.97
C VAL D 65 26.42 -1.00 -18.20
N PHE D 66 26.68 0.13 -17.54
CA PHE D 66 25.62 0.89 -16.88
C PHE D 66 24.68 1.58 -17.88
N GLN D 67 25.23 2.03 -19.01
CA GLN D 67 24.39 2.62 -20.08
C GLN D 67 23.57 1.51 -20.74
N MET D 68 24.15 0.31 -20.80
CA MET D 68 23.42 -0.90 -21.17
C MET D 68 22.71 -1.44 -19.90
N LEU D 69 21.73 -0.70 -19.44
CA LEU D 69 20.96 -1.00 -18.23
C LEU D 69 20.00 0.16 -18.01
N LEU D 70 20.52 1.39 -18.15
CA LEU D 70 19.67 2.55 -18.32
C LEU D 70 19.09 2.54 -19.73
N LEU E 3 -28.15 -20.44 -16.29
CA LEU E 3 -27.74 -20.13 -14.88
C LEU E 3 -27.02 -21.32 -14.26
N GLY E 4 -26.00 -21.02 -13.45
CA GLY E 4 -25.34 -22.02 -12.64
C GLY E 4 -23.86 -21.73 -12.42
N SER E 5 -23.04 -22.15 -13.38
CA SER E 5 -21.60 -22.12 -13.22
C SER E 5 -20.86 -22.28 -14.56
N ASP E 6 -21.32 -21.54 -15.58
CA ASP E 6 -20.66 -21.61 -16.88
C ASP E 6 -19.37 -20.81 -16.73
N LEU E 7 -18.30 -21.34 -17.30
CA LEU E 7 -17.06 -20.61 -17.46
C LEU E 7 -17.36 -19.29 -18.14
N LYS E 8 -18.26 -19.31 -19.12
CA LYS E 8 -18.56 -18.14 -19.94
C LYS E 8 -19.16 -16.99 -19.12
N ASP E 9 -20.09 -17.29 -18.22
CA ASP E 9 -20.70 -16.26 -17.37
C ASP E 9 -19.65 -15.61 -16.46
N ALA E 10 -18.77 -16.45 -15.90
CA ALA E 10 -17.65 -16.00 -15.07
C ALA E 10 -16.77 -15.07 -15.89
N GLU E 11 -16.39 -15.49 -17.08
CA GLU E 11 -15.58 -14.65 -17.96
C GLU E 11 -16.24 -13.31 -18.29
N ALA E 12 -17.55 -13.31 -18.58
CA ALA E 12 -18.25 -12.07 -18.87
C ALA E 12 -18.28 -11.12 -17.66
N VAL E 13 -18.53 -11.66 -16.47
CA VAL E 13 -18.59 -10.84 -15.28
C VAL E 13 -17.20 -10.28 -14.94
N GLN E 14 -16.17 -11.11 -15.10
CA GLN E 14 -14.78 -10.70 -14.83
C GLN E 14 -14.34 -9.56 -15.76
N LYS E 15 -14.63 -9.70 -17.06
CA LYS E 15 -14.44 -8.64 -18.06
C LYS E 15 -15.11 -7.32 -17.65
N PHE E 16 -16.36 -7.40 -17.20
CA PHE E 16 -17.16 -6.22 -16.84
C PHE E 16 -16.64 -5.56 -15.57
N PHE E 17 -16.35 -6.39 -14.55
CA PHE E 17 -15.78 -5.92 -13.31
C PHE E 17 -14.51 -5.06 -13.52
N LEU E 18 -13.59 -5.56 -14.33
CA LEU E 18 -12.31 -4.89 -14.55
C LEU E 18 -12.49 -3.64 -15.41
N GLU E 19 -13.40 -3.66 -16.37
CA GLU E 19 -13.71 -2.48 -17.17
C GLU E 19 -14.29 -1.38 -16.31
N GLU E 20 -15.15 -1.74 -15.37
CA GLU E 20 -15.79 -0.78 -14.49
C GLU E 20 -14.81 -0.16 -13.49
N ILE E 21 -13.95 -1.00 -12.90
CA ILE E 21 -12.85 -0.52 -12.07
C ILE E 21 -11.99 0.48 -12.87
N GLN E 22 -11.56 0.10 -14.06
CA GLN E 22 -10.69 0.98 -14.88
C GLN E 22 -11.35 2.29 -15.28
N LEU E 23 -12.63 2.25 -15.65
CA LEU E 23 -13.36 3.45 -16.05
C LEU E 23 -13.59 4.36 -14.87
N GLY E 24 -13.99 3.76 -13.75
CA GLY E 24 -14.18 4.49 -12.50
C GLY E 24 -12.92 5.21 -12.07
N GLU E 25 -11.81 4.50 -12.18
CA GLU E 25 -10.49 5.06 -11.91
C GLU E 25 -10.18 6.23 -12.85
N GLU E 26 -10.37 6.03 -14.14
CA GLU E 26 -10.16 7.03 -15.18
C GLU E 26 -11.04 8.28 -14.96
N LEU E 27 -12.33 8.09 -14.76
CA LEU E 27 -13.26 9.19 -14.55
C LEU E 27 -12.93 10.04 -13.31
N LEU E 28 -12.50 9.38 -12.25
CA LEU E 28 -12.09 10.04 -11.02
C LEU E 28 -10.92 10.99 -11.24
N ALA E 29 -9.93 10.54 -12.01
CA ALA E 29 -8.74 11.34 -12.31
C ALA E 29 -9.11 12.58 -13.13
N GLN E 30 -10.16 12.45 -13.94
CA GLN E 30 -10.64 13.53 -14.79
C GLN E 30 -11.56 14.49 -14.04
N GLY E 31 -11.97 14.12 -12.83
CA GLY E 31 -12.78 14.98 -11.96
C GLY E 31 -14.28 14.71 -12.00
N ASP E 32 -14.70 13.71 -12.79
CA ASP E 32 -16.11 13.32 -12.84
C ASP E 32 -16.41 12.30 -11.74
N TYR E 33 -16.61 12.82 -10.53
CA TYR E 33 -16.82 11.98 -9.37
C TYR E 33 -18.16 11.26 -9.41
N GLU E 34 -19.20 11.92 -9.94
CA GLU E 34 -20.48 11.24 -10.12
C GLU E 34 -20.31 9.96 -10.93
N LYS E 35 -19.75 10.07 -12.14
CA LYS E 35 -19.71 8.92 -13.06
C LYS E 35 -18.66 7.91 -12.63
N GLY E 36 -17.55 8.41 -12.11
CA GLY E 36 -16.53 7.56 -11.54
C GLY E 36 -17.06 6.67 -10.44
N VAL E 37 -17.78 7.26 -9.49
CA VAL E 37 -18.38 6.53 -8.39
C VAL E 37 -19.47 5.56 -8.90
N ASP E 38 -20.22 5.94 -9.92
CA ASP E 38 -21.25 5.08 -10.50
C ASP E 38 -20.63 3.77 -11.07
N HIS E 39 -19.50 3.91 -11.76
CA HIS E 39 -18.72 2.75 -12.25
C HIS E 39 -18.18 1.86 -11.13
N LEU E 40 -17.67 2.47 -10.06
CA LEU E 40 -17.18 1.74 -8.91
C LEU E 40 -18.31 0.97 -8.21
N THR E 41 -19.52 1.56 -8.21
CA THR E 41 -20.66 0.89 -7.60
C THR E 41 -21.10 -0.31 -8.45
N ASN E 42 -21.01 -0.19 -9.79
CA ASN E 42 -21.24 -1.31 -10.71
C ASN E 42 -20.27 -2.48 -10.49
N ALA E 43 -18.98 -2.16 -10.32
CA ALA E 43 -17.98 -3.17 -9.99
C ALA E 43 -18.32 -3.85 -8.67
N ILE E 44 -18.63 -3.04 -7.65
CA ILE E 44 -18.99 -3.56 -6.34
C ILE E 44 -20.24 -4.40 -6.45
N ALA E 45 -21.23 -3.91 -7.20
CA ALA E 45 -22.49 -4.64 -7.40
C ALA E 45 -22.35 -6.09 -7.94
N VAL E 46 -21.31 -6.35 -8.73
CA VAL E 46 -21.13 -7.69 -9.29
C VAL E 46 -20.15 -8.53 -8.47
N CYS E 47 -19.77 -8.02 -7.30
CA CYS E 47 -18.80 -8.66 -6.44
C CYS E 47 -19.54 -9.33 -5.25
N GLY E 48 -19.46 -10.66 -5.17
CA GLY E 48 -20.15 -11.41 -4.12
C GLY E 48 -19.76 -11.04 -2.70
N GLN E 49 -18.45 -10.88 -2.48
CA GLN E 49 -17.93 -10.52 -1.15
C GLN E 49 -16.97 -9.33 -1.28
N PRO E 50 -17.53 -8.11 -1.35
CA PRO E 50 -16.83 -6.87 -1.71
C PRO E 50 -16.08 -6.16 -0.58
N GLN E 51 -16.04 -6.78 0.59
CA GLN E 51 -15.34 -6.24 1.75
C GLN E 51 -13.89 -5.83 1.45
N GLN E 52 -13.15 -6.69 0.76
CA GLN E 52 -11.75 -6.42 0.47
C GLN E 52 -11.60 -5.28 -0.52
N LEU E 53 -12.52 -5.23 -1.49
CA LEU E 53 -12.55 -4.17 -2.49
C LEU E 53 -12.80 -2.82 -1.82
N LEU E 54 -13.72 -2.75 -0.88
CA LEU E 54 -13.99 -1.50 -0.13
C LEU E 54 -12.78 -0.93 0.60
N GLN E 55 -12.03 -1.81 1.24
CA GLN E 55 -10.84 -1.39 1.98
C GLN E 55 -9.76 -0.85 1.06
N VAL E 56 -9.54 -1.53 -0.06
CA VAL E 56 -8.67 -1.03 -1.11
C VAL E 56 -9.10 0.37 -1.57
N LEU E 57 -10.38 0.52 -1.88
CA LEU E 57 -10.99 1.79 -2.23
C LEU E 57 -10.80 2.89 -1.15
N GLN E 58 -11.01 2.54 0.12
CA GLN E 58 -10.81 3.48 1.24
C GLN E 58 -9.36 3.99 1.29
N GLN E 59 -8.42 3.13 0.93
CA GLN E 59 -7.01 3.54 0.87
C GLN E 59 -6.61 4.26 -0.44
N THR E 60 -7.46 4.11 -1.44
CA THR E 60 -7.19 4.55 -2.81
C THR E 60 -7.78 5.94 -3.11
N LEU E 61 -9.00 6.17 -2.62
CA LEU E 61 -9.80 7.35 -2.93
C LEU E 61 -9.64 8.47 -1.91
N PRO E 62 -9.85 9.72 -2.35
CA PRO E 62 -10.01 10.82 -1.40
C PRO E 62 -11.21 10.60 -0.51
N PRO E 63 -11.10 10.94 0.79
CA PRO E 63 -12.17 10.66 1.74
C PRO E 63 -13.59 11.06 1.30
N PRO E 64 -13.80 12.31 0.79
CA PRO E 64 -15.16 12.65 0.38
C PRO E 64 -15.73 11.82 -0.78
N VAL E 65 -14.88 11.28 -1.66
CA VAL E 65 -15.41 10.47 -2.76
C VAL E 65 -15.77 9.07 -2.26
N PHE E 66 -14.89 8.49 -1.43
CA PHE E 66 -15.19 7.25 -0.74
C PHE E 66 -16.50 7.35 0.03
N GLN E 67 -16.73 8.47 0.71
CA GLN E 67 -17.95 8.67 1.49
C GLN E 67 -19.20 8.72 0.62
N MET E 68 -19.06 9.37 -0.54
CA MET E 68 -20.05 9.41 -1.62
C MET E 68 -20.33 8.05 -2.25
N LEU E 69 -19.31 7.20 -2.23
CA LEU E 69 -19.42 5.82 -2.66
C LEU E 69 -20.28 5.03 -1.68
N LEU E 70 -20.04 5.20 -0.38
CA LEU E 70 -20.78 4.47 0.63
C LEU E 70 -22.28 4.72 0.55
N THR E 71 -22.66 5.94 0.20
CA THR E 71 -24.08 6.31 0.10
C THR E 71 -24.76 5.63 -1.08
N LYS E 72 -23.96 5.20 -2.07
CA LYS E 72 -24.46 4.44 -3.21
C LYS E 72 -24.60 2.95 -2.90
N LEU E 73 -23.96 2.50 -1.82
CA LEU E 73 -24.11 1.12 -1.36
C LEU E 73 -25.20 1.09 -0.28
N ALA F 10 -40.01 14.53 15.56
CA ALA F 10 -39.04 15.68 15.69
C ALA F 10 -38.15 15.47 16.90
N GLU F 11 -38.60 15.86 18.09
CA GLU F 11 -38.00 15.34 19.32
C GLU F 11 -38.25 13.82 19.43
N ALA F 12 -39.37 13.33 18.89
CA ALA F 12 -39.65 11.88 18.91
C ALA F 12 -38.62 11.11 18.07
N VAL F 13 -38.40 11.57 16.84
CA VAL F 13 -37.41 10.98 15.96
C VAL F 13 -36.00 11.10 16.57
N GLN F 14 -35.69 12.27 17.12
CA GLN F 14 -34.40 12.51 17.78
C GLN F 14 -34.22 11.50 18.91
N LYS F 15 -35.26 11.33 19.73
CA LYS F 15 -35.24 10.38 20.85
C LYS F 15 -35.04 8.92 20.39
N PHE F 16 -35.76 8.51 19.35
CA PHE F 16 -35.64 7.18 18.77
C PHE F 16 -34.25 6.94 18.18
N PHE F 17 -33.75 7.93 17.45
CA PHE F 17 -32.45 7.79 16.79
C PHE F 17 -31.35 7.48 17.81
N LEU F 18 -31.35 8.21 18.92
CA LEU F 18 -30.34 8.04 19.97
C LEU F 18 -30.43 6.67 20.63
N GLU F 19 -31.64 6.28 21.01
CA GLU F 19 -31.91 4.95 21.59
C GLU F 19 -31.37 3.82 20.73
N GLU F 20 -31.59 3.94 19.43
CA GLU F 20 -31.19 2.90 18.47
C GLU F 20 -29.68 2.84 18.30
N ILE F 21 -29.05 4.01 18.28
CA ILE F 21 -27.59 4.07 18.22
C ILE F 21 -27.04 3.34 19.42
N GLN F 22 -27.53 3.73 20.60
CA GLN F 22 -27.10 3.15 21.88
C GLN F 22 -27.34 1.64 21.96
N LEU F 23 -28.53 1.20 21.55
CA LEU F 23 -28.86 -0.23 21.52
C LEU F 23 -27.98 -0.96 20.54
N GLY F 24 -27.75 -0.36 19.37
CA GLY F 24 -26.91 -0.96 18.37
C GLY F 24 -25.50 -1.16 18.90
N GLU F 25 -24.95 -0.09 19.47
CA GLU F 25 -23.58 -0.06 20.01
C GLU F 25 -23.40 -0.95 21.24
N GLU F 26 -24.23 -0.73 22.26
CA GLU F 26 -24.10 -1.51 23.49
C GLU F 26 -24.20 -3.00 23.17
N LEU F 27 -25.09 -3.33 22.24
CA LEU F 27 -25.34 -4.69 21.83
C LEU F 27 -24.15 -5.21 21.02
N LEU F 28 -23.69 -4.42 20.05
CA LEU F 28 -22.44 -4.72 19.35
C LEU F 28 -21.35 -5.11 20.33
N ALA F 29 -21.14 -4.26 21.33
CA ALA F 29 -20.08 -4.44 22.33
C ALA F 29 -20.16 -5.79 23.04
N GLN F 30 -21.37 -6.30 23.27
CA GLN F 30 -21.55 -7.66 23.80
C GLN F 30 -21.69 -8.72 22.68
N GLY F 31 -21.15 -8.45 21.50
CA GLY F 31 -21.41 -9.30 20.33
C GLY F 31 -22.83 -9.06 19.84
N ASP F 32 -23.57 -10.15 19.58
CA ASP F 32 -24.93 -10.05 19.03
C ASP F 32 -24.94 -9.11 17.82
N TYR F 33 -24.22 -9.51 16.78
CA TYR F 33 -24.00 -8.66 15.62
C TYR F 33 -25.26 -8.42 14.80
N GLU F 34 -26.13 -9.42 14.69
CA GLU F 34 -27.31 -9.30 13.83
C GLU F 34 -28.27 -8.23 14.38
N LYS F 35 -28.52 -8.27 15.68
CA LYS F 35 -29.50 -7.38 16.31
C LYS F 35 -28.98 -5.95 16.43
N GLY F 36 -27.69 -5.81 16.69
CA GLY F 36 -27.07 -4.49 16.83
C GLY F 36 -27.10 -3.73 15.50
N VAL F 37 -26.90 -4.47 14.42
CA VAL F 37 -26.95 -3.92 13.05
C VAL F 37 -28.38 -3.54 12.66
N ASP F 38 -29.35 -4.28 13.17
CA ASP F 38 -30.76 -3.96 12.90
C ASP F 38 -31.15 -2.66 13.58
N HIS F 39 -30.63 -2.43 14.78
CA HIS F 39 -30.77 -1.15 15.46
C HIS F 39 -30.06 0.01 14.72
N LEU F 40 -28.81 -0.20 14.31
CA LEU F 40 -28.08 0.81 13.56
C LEU F 40 -28.78 1.14 12.26
N THR F 41 -29.33 0.11 11.61
CA THR F 41 -30.13 0.26 10.39
C THR F 41 -31.40 1.08 10.63
N ASN F 42 -32.07 0.87 11.78
CA ASN F 42 -33.20 1.74 12.17
C ASN F 42 -32.77 3.20 12.31
N ALA F 43 -31.60 3.42 12.89
CA ALA F 43 -31.10 4.79 13.11
C ALA F 43 -30.74 5.46 11.78
N ILE F 44 -30.09 4.71 10.91
CA ILE F 44 -29.80 5.18 9.56
C ILE F 44 -31.09 5.52 8.78
N ALA F 45 -32.09 4.64 8.87
CA ALA F 45 -33.40 4.86 8.21
C ALA F 45 -34.07 6.20 8.53
N VAL F 46 -33.91 6.73 9.74
CA VAL F 46 -34.61 7.98 10.10
C VAL F 46 -33.78 9.22 9.82
N CYS F 47 -32.57 8.99 9.33
CA CYS F 47 -31.62 10.04 9.11
C CYS F 47 -31.67 10.51 7.65
N GLY F 48 -31.91 11.81 7.47
CA GLY F 48 -31.78 12.48 6.21
C GLY F 48 -30.31 12.66 5.91
N GLN F 49 -29.87 11.95 4.88
CA GLN F 49 -28.49 11.91 4.44
C GLN F 49 -27.53 11.43 5.53
N PRO F 50 -27.45 10.10 5.67
CA PRO F 50 -26.65 9.42 6.69
C PRO F 50 -25.16 9.27 6.35
N GLN F 51 -24.63 10.22 5.59
CA GLN F 51 -23.27 10.11 5.03
C GLN F 51 -22.24 9.96 6.14
N GLN F 52 -22.28 10.89 7.11
CA GLN F 52 -21.37 10.90 8.27
C GLN F 52 -21.49 9.60 9.08
N LEU F 53 -22.71 9.23 9.44
CA LEU F 53 -22.93 8.00 10.21
C LEU F 53 -22.38 6.79 9.44
N LEU F 54 -22.64 6.72 8.14
CA LEU F 54 -22.08 5.66 7.28
C LEU F 54 -20.55 5.66 7.35
N GLN F 55 -19.96 6.85 7.15
CA GLN F 55 -18.52 7.11 7.34
C GLN F 55 -17.95 6.47 8.61
N VAL F 56 -18.50 6.84 9.76
CA VAL F 56 -17.97 6.42 11.05
C VAL F 56 -18.18 4.92 11.35
N LEU F 57 -19.31 4.37 10.92
CA LEU F 57 -19.57 2.94 11.06
C LEU F 57 -18.64 2.11 10.17
N GLN F 58 -18.38 2.56 8.95
CA GLN F 58 -17.41 1.88 8.10
C GLN F 58 -16.03 1.79 8.77
N GLN F 59 -15.65 2.80 9.54
CA GLN F 59 -14.30 2.82 10.17
C GLN F 59 -14.22 2.20 11.56
N THR F 60 -15.37 2.01 12.22
CA THR F 60 -15.43 1.43 13.56
C THR F 60 -15.78 -0.06 13.54
N LEU F 61 -16.75 -0.42 12.70
CA LEU F 61 -17.24 -1.80 12.63
C LEU F 61 -16.26 -2.78 11.97
N PRO F 62 -16.14 -4.00 12.52
CA PRO F 62 -15.48 -5.10 11.83
C PRO F 62 -16.06 -5.32 10.43
N PRO F 63 -15.21 -5.30 9.38
CA PRO F 63 -15.72 -5.33 8.00
C PRO F 63 -16.85 -6.34 7.66
N PRO F 64 -16.86 -7.54 8.27
CA PRO F 64 -18.00 -8.41 7.96
C PRO F 64 -19.34 -7.90 8.48
N VAL F 65 -19.31 -7.12 9.57
CA VAL F 65 -20.52 -6.55 10.19
C VAL F 65 -21.04 -5.33 9.41
N PHE F 66 -20.13 -4.54 8.85
CA PHE F 66 -20.51 -3.44 7.95
C PHE F 66 -21.17 -3.99 6.68
N GLN F 67 -20.63 -5.08 6.15
CA GLN F 67 -21.25 -5.75 5.02
C GLN F 67 -22.65 -6.27 5.38
N MET F 68 -22.83 -6.69 6.64
CA MET F 68 -24.16 -7.04 7.15
C MET F 68 -25.05 -5.80 7.14
N LEU F 69 -24.50 -4.68 7.59
CA LEU F 69 -25.26 -3.45 7.67
C LEU F 69 -25.69 -3.02 6.26
N LEU F 70 -24.78 -3.12 5.30
CA LEU F 70 -25.08 -2.72 3.91
C LEU F 70 -26.26 -3.50 3.30
N THR F 71 -26.31 -4.82 3.51
CA THR F 71 -27.41 -5.63 2.97
C THR F 71 -28.77 -5.24 3.55
N LYS F 72 -28.74 -4.67 4.76
CA LYS F 72 -29.95 -4.35 5.50
C LYS F 72 -30.41 -2.88 5.40
N LEU F 73 -29.80 -2.11 4.51
CA LEU F 73 -30.31 -0.78 4.15
C LEU F 73 -31.30 -0.88 2.99
N ALA G 10 -9.33 15.85 16.54
CA ALA G 10 -10.77 15.52 16.30
C ALA G 10 -11.25 14.35 17.17
N GLU G 11 -10.62 14.18 18.34
CA GLU G 11 -10.93 13.07 19.26
C GLU G 11 -11.28 13.61 20.66
N ALA G 12 -10.36 14.41 21.21
CA ALA G 12 -10.56 15.08 22.49
C ALA G 12 -11.71 16.09 22.40
N VAL G 13 -11.79 16.79 21.28
CA VAL G 13 -12.86 17.76 21.03
C VAL G 13 -14.24 17.10 21.01
N GLN G 14 -14.28 15.79 20.73
CA GLN G 14 -15.54 15.02 20.75
C GLN G 14 -15.99 14.80 22.19
N LYS G 15 -15.12 14.16 22.97
CA LYS G 15 -15.39 13.87 24.38
C LYS G 15 -15.71 15.15 25.15
N PHE G 16 -14.90 16.19 24.93
CA PHE G 16 -15.08 17.47 25.62
C PHE G 16 -16.40 18.14 25.27
N PHE G 17 -16.76 18.12 23.98
CA PHE G 17 -18.02 18.73 23.54
C PHE G 17 -19.19 18.10 24.29
N LEU G 18 -19.27 16.77 24.22
CA LEU G 18 -20.35 16.02 24.86
C LEU G 18 -20.26 16.08 26.38
N GLU G 19 -19.05 16.27 26.91
CA GLU G 19 -18.86 16.53 28.32
C GLU G 19 -19.62 17.79 28.73
N GLU G 20 -19.48 18.83 27.92
CA GLU G 20 -19.96 20.17 28.28
C GLU G 20 -21.46 20.32 28.08
N ILE G 21 -21.99 19.80 26.96
CA ILE G 21 -23.42 19.69 26.76
C ILE G 21 -23.93 18.51 27.59
N GLN G 22 -24.72 18.82 28.63
CA GLN G 22 -25.39 17.86 29.53
C GLN G 22 -25.42 18.36 30.98
N LEU G 23 -24.55 19.31 31.31
CA LEU G 23 -24.66 20.07 32.55
C LEU G 23 -24.31 21.53 32.28
N PRO H 2 33.47 -5.27 -6.03
CA PRO H 2 32.81 -5.19 -4.73
C PRO H 2 31.66 -6.19 -4.57
N ARG H 3 30.91 -6.02 -3.48
CA ARG H 3 29.73 -6.81 -3.18
C ARG H 3 28.57 -5.85 -3.01
N LEU H 4 27.62 -5.92 -3.92
CA LEU H 4 26.41 -5.11 -3.84
C LEU H 4 25.70 -5.28 -2.50
N SER H 5 25.56 -6.53 -2.05
CA SER H 5 24.80 -6.82 -0.84
C SER H 5 25.31 -6.01 0.34
N ARG H 6 26.63 -5.92 0.47
CA ARG H 6 27.27 -5.10 1.48
C ARG H 6 27.01 -3.60 1.27
N LEU H 7 27.11 -3.14 0.02
CA LEU H 7 26.88 -1.74 -0.28
C LEU H 7 25.44 -1.36 0.06
N LEU H 8 24.50 -2.08 -0.53
CA LEU H 8 23.05 -1.88 -0.30
C LEU H 8 22.63 -1.99 1.18
N SER H 9 23.12 -3.01 1.87
CA SER H 9 22.79 -3.19 3.27
C SER H 9 23.19 -2.00 4.15
N TYR H 10 24.32 -1.38 3.81
CA TYR H 10 24.89 -0.25 4.58
C TYR H 10 24.37 1.09 4.10
N ALA H 11 23.61 1.11 3.00
CA ALA H 11 23.14 2.35 2.41
C ALA H 11 22.32 3.19 3.40
N GLY H 12 21.54 2.51 4.24
CA GLY H 12 20.70 3.19 5.22
C GLY H 12 21.51 3.94 6.27
N CY3 H 13 22.78 3.71 6.62
CA CY3 H 13 23.64 4.23 7.65
C CY3 H 13 24.15 5.59 7.28
O CY3 H 13 24.05 6.01 6.13
CB CY3 H 13 24.84 3.32 7.84
SG CY3 H 13 24.40 1.81 8.70
N1 CY3 H 13 24.70 6.27 8.28
N ARG I 3 -0.96 37.13 -10.66
CA ARG I 3 -0.53 37.15 -9.23
C ARG I 3 -1.68 36.78 -8.30
N LEU I 4 -2.92 36.99 -8.75
CA LEU I 4 -4.08 36.80 -7.89
C LEU I 4 -4.27 35.37 -7.49
N SER I 5 -3.98 34.47 -8.43
CA SER I 5 -4.09 33.04 -8.17
C SER I 5 -3.10 32.65 -7.08
N ARG I 6 -1.85 33.09 -7.21
CA ARG I 6 -0.83 32.86 -6.21
C ARG I 6 -1.26 33.47 -4.89
N LEU I 7 -1.73 34.72 -4.93
CA LEU I 7 -2.14 35.44 -3.73
C LEU I 7 -3.38 34.81 -3.07
N LEU I 8 -4.35 34.39 -3.88
CA LEU I 8 -5.55 33.75 -3.32
C LEU I 8 -5.20 32.38 -2.74
N SER I 9 -4.40 31.63 -3.47
CA SER I 9 -3.93 30.31 -3.05
C SER I 9 -3.16 30.32 -1.73
N TYR I 10 -2.44 31.41 -1.51
CA TYR I 10 -1.60 31.60 -0.34
C TYR I 10 -2.33 32.31 0.79
N ALA I 11 -3.40 33.04 0.46
CA ALA I 11 -4.12 33.82 1.47
C ALA I 11 -4.66 32.86 2.52
N GLY I 12 -4.67 33.29 3.78
CA GLY I 12 -4.96 32.35 4.86
C GLY I 12 -3.91 31.25 4.97
N CY3 I 13 -2.63 31.25 4.51
CA CY3 I 13 -1.42 31.12 5.31
C CY3 I 13 -1.22 32.23 6.33
O CY3 I 13 -0.34 32.13 7.16
CB CY3 I 13 -0.23 31.09 4.37
SG CY3 I 13 -0.21 29.56 3.42
N1 CY3 I 13 -2.03 33.29 6.30
N GLY J 1 -2.71 6.33 -15.92
CA GLY J 1 -2.21 6.14 -14.53
C GLY J 1 -3.07 5.13 -13.77
N PRO J 2 -3.07 3.88 -14.21
CA PRO J 2 -3.87 2.89 -13.51
C PRO J 2 -3.11 2.25 -12.34
N ARG J 3 -3.83 1.93 -11.28
CA ARG J 3 -3.29 1.26 -10.11
C ARG J 3 -4.16 0.08 -9.64
N LEU J 4 -5.49 0.20 -9.78
CA LEU J 4 -6.42 -0.76 -9.17
C LEU J 4 -6.29 -2.19 -9.71
N SER J 5 -6.20 -2.36 -11.02
CA SER J 5 -6.07 -3.74 -11.56
C SER J 5 -4.82 -4.42 -11.00
N ARG J 6 -3.70 -3.71 -11.02
CA ARG J 6 -2.45 -4.21 -10.47
C ARG J 6 -2.56 -4.49 -8.97
N LEU J 7 -3.16 -3.57 -8.22
CA LEU J 7 -3.37 -3.77 -6.81
C LEU J 7 -4.24 -5.01 -6.53
N LEU J 8 -5.40 -5.08 -7.19
CA LEU J 8 -6.36 -6.17 -7.00
C LEU J 8 -5.82 -7.54 -7.46
N SER J 9 -5.16 -7.56 -8.61
CA SER J 9 -4.52 -8.79 -9.09
C SER J 9 -3.52 -9.36 -8.10
N TYR J 10 -2.68 -8.48 -7.55
CA TYR J 10 -1.65 -8.88 -6.57
C TYR J 10 -2.27 -9.28 -5.22
N ALA J 11 -3.29 -8.54 -4.80
CA ALA J 11 -3.96 -8.78 -3.50
C ALA J 11 -4.49 -10.20 -3.37
N GLY J 12 -5.14 -10.67 -4.41
CA GLY J 12 -5.77 -11.99 -4.40
C GLY J 12 -4.80 -13.08 -4.76
N CY3 J 13 -3.51 -13.00 -5.14
CA CY3 J 13 -2.57 -14.05 -5.52
C CY3 J 13 -2.49 -15.05 -4.40
O CY3 J 13 -2.78 -14.74 -3.27
CB CY3 J 13 -1.21 -13.43 -5.90
SG CY3 J 13 -0.14 -12.80 -4.56
N1 CY3 J 13 -2.11 -16.29 -4.72
N ARG K 3 15.29 -12.79 6.97
CA ARG K 3 16.77 -12.60 6.99
C ARG K 3 17.08 -11.12 6.89
N LEU K 4 17.87 -10.63 7.85
CA LEU K 4 18.23 -9.20 7.93
C LEU K 4 18.95 -8.71 6.68
N SER K 5 19.76 -9.57 6.06
CA SER K 5 20.47 -9.24 4.82
C SER K 5 19.51 -8.86 3.70
N ARG K 6 18.42 -9.61 3.58
CA ARG K 6 17.42 -9.34 2.56
C ARG K 6 16.62 -8.10 2.93
N LEU K 7 16.27 -7.95 4.20
CA LEU K 7 15.58 -6.75 4.68
C LEU K 7 16.39 -5.47 4.40
N LEU K 8 17.64 -5.47 4.81
CA LEU K 8 18.48 -4.29 4.67
C LEU K 8 18.85 -3.97 3.24
N SER K 9 19.14 -5.00 2.45
CA SER K 9 19.50 -4.78 1.05
C SER K 9 18.37 -4.08 0.34
N TYR K 10 17.15 -4.59 0.52
CA TYR K 10 15.98 -4.04 -0.12
C TYR K 10 15.61 -2.68 0.44
N ALA K 11 15.77 -2.46 1.74
CA ALA K 11 15.38 -1.20 2.36
C ALA K 11 16.14 0.01 1.77
N GLY K 12 17.43 -0.19 1.50
CA GLY K 12 18.30 0.83 0.92
C GLY K 12 18.43 0.66 -0.59
N CY3 K 13 17.48 0.10 -1.36
CA CY3 K 13 16.87 0.12 -2.68
C CY3 K 13 16.93 1.52 -3.21
O CY3 K 13 16.35 2.42 -2.63
CB CY3 K 13 15.39 -0.25 -2.59
SG CY3 K 13 14.96 -1.56 -3.74
N1 CY3 K 13 17.59 1.71 -4.34
N GLY L 1 -6.75 -19.71 -21.22
CA GLY L 1 -8.24 -19.73 -21.13
C GLY L 1 -8.86 -18.41 -21.57
N PRO L 2 -9.45 -17.65 -20.62
CA PRO L 2 -9.84 -16.26 -20.92
C PRO L 2 -8.65 -15.29 -20.81
N ARG L 3 -8.52 -14.59 -19.68
CA ARG L 3 -7.35 -13.76 -19.43
C ARG L 3 -7.14 -13.56 -17.92
N LEU L 4 -5.89 -13.75 -17.52
CA LEU L 4 -5.52 -13.90 -16.12
C LEU L 4 -5.71 -12.61 -15.34
N SER L 5 -5.54 -11.47 -16.01
CA SER L 5 -5.70 -10.21 -15.31
C SER L 5 -7.15 -10.06 -14.80
N ARG L 6 -8.11 -10.39 -15.65
CA ARG L 6 -9.52 -10.37 -15.30
C ARG L 6 -9.85 -11.35 -14.17
N LEU L 7 -9.35 -12.58 -14.30
CA LEU L 7 -9.47 -13.61 -13.26
C LEU L 7 -8.86 -13.21 -11.92
N LEU L 8 -7.62 -12.72 -11.95
CA LEU L 8 -6.94 -12.30 -10.73
C LEU L 8 -7.56 -11.04 -10.12
N SER L 9 -7.90 -10.06 -10.95
CA SER L 9 -8.58 -8.84 -10.48
C SER L 9 -9.91 -9.09 -9.73
N TYR L 10 -10.67 -10.08 -10.19
CA TYR L 10 -12.00 -10.41 -9.66
C TYR L 10 -11.95 -11.38 -8.48
N ALA L 11 -10.97 -12.28 -8.50
CA ALA L 11 -10.72 -13.17 -7.36
C ALA L 11 -10.47 -12.33 -6.12
N GLY L 12 -9.82 -11.19 -6.33
CA GLY L 12 -9.52 -10.23 -5.27
C GLY L 12 -10.44 -9.02 -5.22
N CY3 L 13 -11.63 -8.69 -5.78
CA CY3 L 13 -12.73 -7.97 -5.15
C CY3 L 13 -13.11 -8.63 -3.83
O CY3 L 13 -12.89 -9.82 -3.61
CB CY3 L 13 -13.85 -7.82 -6.19
SG CY3 L 13 -15.07 -9.14 -6.34
N1 CY3 L 13 -13.64 -7.82 -2.90
N LEU M 7 -28.23 15.90 23.20
CA LEU M 7 -28.81 14.85 22.32
C LEU M 7 -28.16 14.87 20.95
N LEU M 8 -28.12 16.05 20.33
CA LEU M 8 -28.09 16.24 18.84
C LEU M 8 -27.12 15.38 18.01
N SER M 9 -27.25 14.07 18.19
CA SER M 9 -26.62 13.09 17.31
C SER M 9 -27.39 12.99 15.99
N TYR M 10 -28.67 13.35 16.04
CA TYR M 10 -29.56 13.25 14.87
C TYR M 10 -29.17 14.30 13.82
N ALA M 11 -28.84 15.50 14.30
CA ALA M 11 -28.37 16.62 13.45
C ALA M 11 -27.08 16.29 12.71
N GLY M 12 -26.24 15.44 13.30
CA GLY M 12 -24.96 15.06 12.71
C GLY M 12 -25.02 13.74 11.96
N CY3 M 13 -25.97 12.81 11.72
CA CY3 M 13 -25.95 11.52 11.06
C CY3 M 13 -25.57 11.64 9.60
O CY3 M 13 -24.93 10.76 9.06
CB CY3 M 13 -27.31 10.83 11.19
SG CY3 M 13 -28.70 11.92 10.79
N1 CY3 M 13 -25.95 12.75 8.98
N ARG N 3 -17.63 6.65 22.70
CA ARG N 3 -18.88 6.07 22.14
C ARG N 3 -19.22 6.76 20.82
N LEU N 4 -20.26 6.28 20.15
CA LEU N 4 -20.73 6.85 18.88
C LEU N 4 -21.46 8.17 19.09
N SER N 5 -21.97 8.39 20.29
CA SER N 5 -22.76 9.58 20.60
C SER N 5 -21.96 10.88 20.51
N ARG N 6 -20.75 10.88 21.04
CA ARG N 6 -19.92 12.10 21.07
C ARG N 6 -19.31 12.47 19.72
N LEU N 7 -19.16 11.49 18.83
CA LEU N 7 -18.59 11.73 17.51
C LEU N 7 -19.58 12.49 16.62
N LEU N 8 -20.80 11.97 16.51
CA LEU N 8 -21.83 12.58 15.66
C LEU N 8 -22.65 13.66 16.37
N SER N 9 -22.49 13.79 17.70
CA SER N 9 -23.04 14.93 18.44
C SER N 9 -22.36 16.22 18.00
N TYR N 10 -21.03 16.16 17.83
CA TYR N 10 -20.25 17.28 17.32
C TYR N 10 -20.07 17.15 15.79
N ALA N 11 -21.19 17.18 15.08
CA ALA N 11 -21.21 17.11 13.62
C ALA N 11 -22.59 17.50 13.09
#